data_4UVR
#
_entry.id   4UVR
#
_cell.length_a   128.115
_cell.length_b   128.115
_cell.length_c   117.781
_cell.angle_alpha   90.00
_cell.angle_beta   90.00
_cell.angle_gamma   120.00
#
_symmetry.space_group_name_H-M   'P 63 2 2'
#
loop_
_entity.id
_entity.type
_entity.pdbx_description
1 polymer 'STEROL 14-DEMETHYLASE, CYP51'
2 non-polymer 'PROTOPORPHYRIN IX CONTAINING FE'
3 non-polymer Nalpha-{4-[4-(5-chloro-2-methylphenyl)piperazin-1-yl]-2-fluorobenzoyl}-N-pyridin-4-yl-D-tryptophanamide
4 non-polymer 'SULFATE ION'
5 water water
#
_entity_poly.entity_id   1
_entity_poly.type   'polypeptide(L)'
_entity_poly.pdbx_seq_one_letter_code
;MAKKTSSKGKLPPVYPVTVPFLGHIVQFGKNPLEFMQRCKRDLKSGVFTISIGGQRVTIVGDPHEHSRFFSPRNEILSPR
EVYTIMTPVFGEGVAYAAPYPRMREQLNFLAEELTIAKFQNFVPAIQHEVRKFMAENWKEDEGVINLLEDCGAMIINTAC
QCLFGEDLRKRLNARHFAQLLSKMESSLIPAAVFMPWLLRLPLPQSARCREARAELQKILGEIIVAREKEEASKDNNTSD
LLGGLLKAVYRDGTRMSLHEVCGMIVAAMFAGQHTSTITTSWSMLHLMHPKNKKWLDKLHKEIDEFPAQLNYDNVMDEMP
FAERCVRESIRRDPPLLMVMRMVKAEVKVGSYVVPKGDIIACSPLLSHHDEEAFPNPRLWDPERDEKVDGAFIGFGAGVH
KCIGQKFALLQVKTILATAFREYDFQLLRDEVPDPDYHTMVVGPTLNQCLVKYTRKKKLPSHHHHHH
;
_entity_poly.pdbx_strand_id   A
#
# COMPACT_ATOMS: atom_id res chain seq x y z
N GLY A 9 10.58 13.76 -30.32
CA GLY A 9 10.15 15.17 -29.98
C GLY A 9 8.65 15.41 -30.06
N LYS A 10 7.90 14.34 -30.21
CA LYS A 10 6.46 14.42 -30.30
C LYS A 10 5.95 14.62 -28.85
N LEU A 11 4.95 15.46 -28.71
CA LEU A 11 4.11 15.52 -27.53
C LEU A 11 3.22 14.31 -27.58
N PRO A 12 2.90 13.69 -26.43
CA PRO A 12 1.97 12.58 -26.53
C PRO A 12 0.60 13.06 -27.02
N PRO A 13 -0.18 12.18 -27.65
CA PRO A 13 -1.52 12.59 -28.04
C PRO A 13 -2.34 12.98 -26.86
N VAL A 14 -3.20 13.97 -27.02
CA VAL A 14 -4.00 14.48 -25.94
C VAL A 14 -5.46 14.13 -26.15
N TYR A 15 -6.04 13.43 -25.18
CA TYR A 15 -7.47 13.14 -25.15
C TYR A 15 -8.11 14.47 -24.82
N PRO A 16 -8.82 15.07 -25.78
CA PRO A 16 -9.01 16.53 -25.73
C PRO A 16 -9.93 16.97 -24.57
N VAL A 17 -9.85 18.25 -24.21
CA VAL A 17 -10.32 18.66 -22.90
C VAL A 17 -11.84 18.56 -22.70
N THR A 18 -12.27 17.83 -21.64
CA THR A 18 -13.70 17.69 -21.26
C THR A 18 -14.16 18.76 -20.29
N VAL A 19 -15.45 19.02 -20.30
CA VAL A 19 -16.01 20.15 -19.59
C VAL A 19 -16.37 19.94 -18.09
N PRO A 20 -17.02 18.80 -17.73
CA PRO A 20 -17.34 18.60 -16.30
C PRO A 20 -16.07 18.71 -15.46
N PHE A 21 -16.17 19.40 -14.33
CA PHE A 21 -14.97 19.71 -13.54
C PHE A 21 -14.48 18.45 -12.80
N LEU A 22 -13.27 18.01 -13.13
CA LEU A 22 -12.71 16.80 -12.52
C LEU A 22 -13.53 15.58 -12.89
N GLY A 23 -14.05 15.63 -14.09
CA GLY A 23 -15.00 14.64 -14.54
C GLY A 23 -14.36 13.32 -14.81
N HIS A 24 -13.09 13.32 -15.20
CA HIS A 24 -12.40 12.05 -15.38
C HIS A 24 -12.16 11.31 -14.09
N ILE A 25 -12.18 11.99 -12.95
CA ILE A 25 -12.05 11.27 -11.68
C ILE A 25 -13.24 10.33 -11.47
N VAL A 26 -14.43 10.76 -11.91
CA VAL A 26 -15.63 9.93 -11.81
C VAL A 26 -15.47 8.64 -12.62
N GLN A 27 -14.86 8.74 -13.80
CA GLN A 27 -14.59 7.55 -14.60
C GLN A 27 -13.57 6.64 -13.95
N PHE A 28 -12.58 7.22 -13.26
CA PHE A 28 -11.56 6.44 -12.59
C PHE A 28 -12.14 5.70 -11.39
N GLY A 29 -13.19 6.26 -10.80
CA GLY A 29 -13.93 5.55 -9.79
C GLY A 29 -14.86 4.42 -10.25
N LYS A 30 -15.25 4.34 -11.51
CA LYS A 30 -16.30 3.37 -11.93
C LYS A 30 -15.66 2.26 -12.79
N ASN A 31 -14.88 2.61 -13.81
CA ASN A 31 -14.22 1.64 -14.65
C ASN A 31 -12.84 2.18 -15.11
N PRO A 32 -11.90 2.34 -14.14
CA PRO A 32 -10.57 2.86 -14.46
C PRO A 32 -9.85 2.05 -15.52
N LEU A 33 -9.90 0.73 -15.46
CA LEU A 33 -9.17 -0.08 -16.44
C LEU A 33 -9.65 0.18 -17.85
N GLU A 34 -10.95 0.07 -18.03
CA GLU A 34 -11.65 0.23 -19.32
C GLU A 34 -11.44 1.63 -19.87
N PHE A 35 -11.53 2.62 -18.98
CA PHE A 35 -11.23 4.00 -19.38
C PHE A 35 -9.83 4.20 -19.95
N MET A 36 -8.81 3.71 -19.26
CA MET A 36 -7.45 3.92 -19.71
C MET A 36 -7.19 3.03 -20.92
N GLN A 37 -7.90 1.90 -21.06
CA GLN A 37 -7.74 1.07 -22.26
C GLN A 37 -8.31 1.74 -23.49
N ARG A 38 -9.40 2.49 -23.31
CA ARG A 38 -10.06 3.19 -24.38
C ARG A 38 -9.15 4.34 -24.84
N CYS A 39 -8.69 5.17 -23.93
CA CYS A 39 -7.64 6.14 -24.27
C CYS A 39 -6.48 5.52 -25.07
N LYS A 40 -5.97 4.38 -24.66
CA LYS A 40 -4.84 3.73 -25.35
C LYS A 40 -5.24 3.32 -26.76
N ARG A 41 -6.37 2.67 -26.86
CA ARG A 41 -6.79 2.17 -28.13
C ARG A 41 -7.11 3.35 -29.03
N ASP A 42 -7.97 4.24 -28.57
CA ASP A 42 -8.53 5.27 -29.42
C ASP A 42 -7.53 6.36 -29.79
N LEU A 43 -6.47 6.52 -29.02
CA LEU A 43 -5.39 7.40 -29.45
C LEU A 43 -4.28 6.60 -30.10
N LYS A 44 -4.46 5.29 -30.30
CA LYS A 44 -3.41 4.45 -30.85
C LYS A 44 -2.02 4.73 -30.25
N SER A 45 -1.89 4.70 -28.92
CA SER A 45 -0.61 4.98 -28.28
C SER A 45 -0.56 4.55 -26.85
N GLY A 46 0.53 3.93 -26.44
CA GLY A 46 0.72 3.54 -25.05
C GLY A 46 1.00 4.73 -24.13
N VAL A 47 1.35 5.86 -24.70
CA VAL A 47 1.62 7.04 -23.91
C VAL A 47 0.67 8.13 -24.38
N PHE A 48 -0.16 8.62 -23.46
CA PHE A 48 -1.21 9.55 -23.80
C PHE A 48 -1.48 10.46 -22.62
N THR A 49 -2.14 11.59 -22.90
CA THR A 49 -2.40 12.62 -21.91
C THR A 49 -3.90 12.92 -21.74
N ILE A 50 -4.35 13.09 -20.50
CA ILE A 50 -5.69 13.59 -20.24
C ILE A 50 -5.55 14.86 -19.40
N SER A 51 -6.61 15.62 -19.33
CA SER A 51 -6.59 16.87 -18.61
C SER A 51 -7.53 16.75 -17.45
N ILE A 52 -7.06 16.99 -16.25
CA ILE A 52 -7.94 16.89 -15.10
C ILE A 52 -7.77 18.18 -14.34
N GLY A 53 -8.83 18.97 -14.27
CA GLY A 53 -8.78 20.24 -13.60
C GLY A 53 -7.70 21.17 -14.11
N GLY A 54 -7.48 21.16 -15.41
CA GLY A 54 -6.48 22.05 -16.01
C GLY A 54 -5.07 21.53 -15.88
N GLN A 55 -4.91 20.40 -15.19
CA GLN A 55 -3.63 19.69 -15.03
C GLN A 55 -3.48 18.53 -16.04
N ARG A 56 -2.46 18.62 -16.88
CA ARG A 56 -2.14 17.60 -17.86
C ARG A 56 -1.62 16.40 -17.12
N VAL A 57 -2.23 15.23 -17.36
CA VAL A 57 -1.82 13.95 -16.75
C VAL A 57 -1.42 13.01 -17.90
N THR A 58 -0.12 12.70 -17.97
CA THR A 58 0.42 11.86 -19.03
C THR A 58 0.62 10.45 -18.47
N ILE A 59 -0.16 9.51 -19.00
CA ILE A 59 -0.13 8.14 -18.50
C ILE A 59 0.77 7.31 -19.40
N VAL A 60 1.71 6.62 -18.75
CA VAL A 60 2.62 5.71 -19.42
C VAL A 60 2.06 4.29 -19.34
N GLY A 61 1.46 3.82 -20.44
CA GLY A 61 0.63 2.61 -20.44
C GLY A 61 1.19 1.37 -21.12
N ASP A 62 2.50 1.38 -21.34
CA ASP A 62 3.23 0.29 -21.96
C ASP A 62 4.27 -0.19 -20.98
N PRO A 63 4.16 -1.42 -20.48
CA PRO A 63 5.14 -1.97 -19.55
C PRO A 63 6.61 -1.94 -20.03
N HIS A 64 6.82 -1.94 -21.34
CA HIS A 64 8.17 -1.86 -21.85
C HIS A 64 8.77 -0.51 -21.49
N GLU A 65 7.96 0.51 -21.27
CA GLU A 65 8.52 1.82 -20.91
C GLU A 65 8.68 2.05 -19.39
N HIS A 66 8.47 1.02 -18.57
CA HIS A 66 8.57 1.24 -17.12
C HIS A 66 9.85 1.88 -16.66
N SER A 67 10.97 1.44 -17.19
CA SER A 67 12.24 1.97 -16.69
C SER A 67 12.36 3.49 -16.88
N ARG A 68 11.65 4.08 -17.82
CA ARG A 68 11.77 5.51 -18.09
C ARG A 68 11.00 6.30 -17.08
N PHE A 69 10.00 5.66 -16.50
CA PHE A 69 9.22 6.26 -15.43
C PHE A 69 9.88 6.12 -14.04
N PHE A 70 10.35 4.91 -13.70
CA PHE A 70 10.79 4.63 -12.33
C PHE A 70 12.25 4.94 -12.12
N SER A 71 13.03 5.06 -13.18
CA SER A 71 14.45 5.36 -13.02
C SER A 71 14.79 6.79 -12.56
N PRO A 72 14.18 7.84 -13.13
CA PRO A 72 14.75 9.17 -12.87
C PRO A 72 14.65 9.62 -11.43
N ARG A 73 15.61 10.44 -10.98
CA ARG A 73 15.70 10.91 -9.58
C ARG A 73 14.84 12.19 -9.35
N ASN A 74 14.66 12.58 -8.08
CA ASN A 74 13.78 13.72 -7.75
C ASN A 74 14.14 15.02 -8.49
N GLU A 75 15.40 15.23 -8.88
CA GLU A 75 15.80 16.44 -9.63
C GLU A 75 15.11 16.53 -11.00
N ILE A 76 14.38 15.47 -11.40
CA ILE A 76 13.72 15.39 -12.71
C ILE A 76 12.24 14.94 -12.65
N LEU A 77 11.91 13.83 -11.99
CA LEU A 77 10.52 13.46 -11.69
C LEU A 77 10.33 13.47 -10.21
N SER A 78 9.40 14.25 -9.70
CA SER A 78 9.34 14.42 -8.26
C SER A 78 7.96 14.10 -7.81
N PRO A 79 7.87 13.31 -6.74
CA PRO A 79 6.59 13.02 -6.14
C PRO A 79 6.19 14.02 -5.08
N ARG A 80 7.07 14.90 -4.64
CA ARG A 80 6.74 15.83 -3.56
C ARG A 80 5.46 16.57 -3.88
N GLU A 81 5.41 17.20 -5.04
CA GLU A 81 4.30 18.08 -5.38
C GLU A 81 3.00 17.32 -5.53
N VAL A 82 3.01 16.02 -5.82
CA VAL A 82 1.74 15.35 -6.00
C VAL A 82 1.12 14.93 -4.70
N TYR A 83 1.90 14.85 -3.63
CA TYR A 83 1.39 14.35 -2.34
C TYR A 83 1.35 15.41 -1.27
N THR A 84 1.20 16.65 -1.71
CA THR A 84 1.00 17.79 -0.85
C THR A 84 -0.19 17.57 0.07
N ILE A 85 -1.12 16.70 -0.34
CA ILE A 85 -2.24 16.41 0.51
C ILE A 85 -1.92 15.80 1.86
N MET A 86 -0.76 15.16 1.99
CA MET A 86 -0.43 14.41 3.19
C MET A 86 0.30 15.27 4.22
N THR A 87 0.70 16.49 3.85
CA THR A 87 1.52 17.34 4.74
C THR A 87 0.92 17.65 6.13
N PRO A 88 -0.41 17.77 6.22
CA PRO A 88 -1.00 17.91 7.56
C PRO A 88 -1.05 16.60 8.31
N VAL A 89 -1.02 15.48 7.59
CA VAL A 89 -1.08 14.18 8.24
C VAL A 89 0.28 13.75 8.81
N PHE A 90 1.34 13.93 8.04
CA PHE A 90 2.68 13.52 8.47
C PHE A 90 3.50 14.66 9.05
N GLY A 91 3.15 15.91 8.74
CA GLY A 91 3.81 17.08 9.32
C GLY A 91 4.71 17.77 8.34
N GLU A 92 4.92 19.07 8.57
CA GLU A 92 5.80 19.88 7.76
C GLU A 92 7.15 19.30 8.00
N GLY A 93 8.01 19.38 7.01
CA GLY A 93 9.37 18.92 7.18
C GLY A 93 9.52 17.40 7.18
N VAL A 94 8.46 16.64 6.91
CA VAL A 94 8.54 15.17 7.02
C VAL A 94 8.30 14.50 5.69
N ALA A 95 9.06 13.46 5.39
CA ALA A 95 8.95 12.73 4.15
C ALA A 95 8.92 13.66 2.93
N TYR A 96 7.81 13.69 2.20
CA TYR A 96 7.76 14.39 0.92
C TYR A 96 7.69 15.89 1.12
N ALA A 97 7.24 16.34 2.28
CA ALA A 97 7.28 17.76 2.63
C ALA A 97 8.67 18.26 3.04
N ALA A 98 9.68 17.40 2.96
CA ALA A 98 11.01 17.79 3.35
C ALA A 98 11.82 18.08 2.07
N PRO A 99 12.90 18.88 2.17
CA PRO A 99 13.81 19.08 1.02
C PRO A 99 14.33 17.74 0.46
N TYR A 100 14.50 17.60 -0.86
CA TYR A 100 14.94 16.31 -1.44
C TYR A 100 16.03 15.57 -0.62
N PRO A 101 17.10 16.24 -0.19
CA PRO A 101 18.11 15.42 0.52
C PRO A 101 17.71 14.93 1.94
N ARG A 102 17.06 15.76 2.73
CA ARG A 102 16.61 15.32 4.05
C ARG A 102 15.52 14.27 3.87
N MET A 103 14.56 14.53 3.00
CA MET A 103 13.56 13.53 2.61
C MET A 103 14.21 12.18 2.30
N ARG A 104 15.21 12.17 1.43
CA ARG A 104 15.85 10.92 1.01
C ARG A 104 16.38 10.16 2.23
N GLU A 105 17.01 10.89 3.14
CA GLU A 105 17.59 10.29 4.32
C GLU A 105 16.48 9.75 5.25
N GLN A 106 15.46 10.55 5.48
CA GLN A 106 14.34 10.10 6.26
C GLN A 106 13.73 8.79 5.78
N LEU A 107 13.40 8.71 4.51
CA LEU A 107 12.85 7.48 3.98
C LEU A 107 13.80 6.34 4.19
N ASN A 108 15.08 6.53 3.94
CA ASN A 108 16.04 5.46 4.16
C ASN A 108 16.11 5.00 5.59
N PHE A 109 16.04 5.93 6.54
CA PHE A 109 16.01 5.58 7.94
C PHE A 109 14.80 4.69 8.29
N LEU A 110 13.63 4.99 7.74
CA LEU A 110 12.49 4.11 7.97
C LEU A 110 12.73 2.74 7.31
N ALA A 111 13.30 2.74 6.12
CA ALA A 111 13.62 1.51 5.42
C ALA A 111 14.63 0.68 6.21
N GLU A 112 15.61 1.33 6.83
CA GLU A 112 16.59 0.56 7.63
C GLU A 112 15.81 -0.22 8.68
N GLU A 113 14.79 0.40 9.29
CA GLU A 113 13.97 -0.26 10.32
C GLU A 113 13.03 -1.40 9.85
N LEU A 114 12.80 -1.51 8.56
CA LEU A 114 11.94 -2.54 8.02
C LEU A 114 12.67 -3.53 7.09
N THR A 115 14.00 -3.62 7.24
CA THR A 115 14.80 -4.67 6.56
C THR A 115 14.55 -6.05 7.20
N ILE A 116 14.78 -7.10 6.43
CA ILE A 116 14.55 -8.45 6.91
C ILE A 116 15.41 -8.81 8.13
N ALA A 117 16.56 -8.16 8.25
CA ALA A 117 17.36 -8.33 9.47
C ALA A 117 16.70 -7.86 10.76
N LYS A 118 15.56 -7.19 10.70
CA LYS A 118 14.90 -6.65 11.91
C LYS A 118 13.71 -7.48 12.35
N PHE A 119 13.39 -8.53 11.59
CA PHE A 119 12.20 -9.35 11.86
C PHE A 119 12.44 -10.51 12.81
N GLN A 120 13.47 -10.38 13.65
CA GLN A 120 13.68 -11.34 14.72
C GLN A 120 12.48 -11.14 15.63
N ASN A 121 11.74 -12.23 15.84
CA ASN A 121 10.57 -12.25 16.74
C ASN A 121 9.22 -11.81 16.14
N PHE A 122 9.25 -11.39 14.87
CA PHE A 122 8.08 -10.76 14.29
C PHE A 122 7.05 -11.82 14.01
N VAL A 123 7.49 -12.94 13.46
CA VAL A 123 6.59 -14.04 13.13
C VAL A 123 5.83 -14.53 14.36
N PRO A 124 6.51 -14.76 15.50
CA PRO A 124 5.75 -15.12 16.70
C PRO A 124 4.83 -14.00 17.18
N ALA A 125 5.37 -12.80 17.32
CA ALA A 125 4.58 -11.67 17.76
C ALA A 125 3.30 -11.53 16.93
N ILE A 126 3.39 -11.88 15.66
CA ILE A 126 2.27 -11.79 14.73
C ILE A 126 1.34 -12.95 14.93
N GLN A 127 1.90 -14.14 14.90
CA GLN A 127 1.11 -15.36 15.13
C GLN A 127 0.39 -15.29 16.49
N HIS A 128 1.01 -14.68 17.51
CA HIS A 128 0.36 -14.58 18.80
C HIS A 128 -0.86 -13.68 18.65
N GLU A 129 -0.70 -12.51 18.02
CA GLU A 129 -1.86 -11.58 17.87
C GLU A 129 -2.94 -12.14 17.01
N VAL A 130 -2.59 -12.85 15.94
CA VAL A 130 -3.59 -13.51 15.14
C VAL A 130 -4.37 -14.50 15.99
N ARG A 131 -3.65 -15.37 16.71
CA ARG A 131 -4.31 -16.38 17.54
C ARG A 131 -5.23 -15.67 18.55
N LYS A 132 -4.76 -14.60 19.15
CA LYS A 132 -5.57 -13.83 20.10
C LYS A 132 -6.91 -13.35 19.51
N PHE A 133 -6.84 -12.89 18.27
CA PHE A 133 -7.96 -12.23 17.65
C PHE A 133 -8.97 -13.29 17.30
N MET A 134 -8.50 -14.43 16.78
CA MET A 134 -9.37 -15.54 16.43
C MET A 134 -10.06 -16.10 17.68
N ALA A 135 -9.35 -16.11 18.80
CA ALA A 135 -9.90 -16.55 20.07
C ALA A 135 -11.00 -15.63 20.53
N GLU A 136 -10.81 -14.33 20.36
CA GLU A 136 -11.77 -13.32 20.87
C GLU A 136 -12.99 -13.10 19.97
N ASN A 137 -12.87 -13.35 18.65
CA ASN A 137 -13.92 -13.01 17.62
C ASN A 137 -14.43 -14.19 16.78
N TRP A 138 -13.68 -15.28 16.71
CA TRP A 138 -14.10 -16.44 15.95
C TRP A 138 -14.20 -17.66 16.86
N LYS A 139 -15.04 -17.53 17.92
CA LYS A 139 -15.15 -18.50 19.03
C LYS A 139 -15.84 -19.81 18.66
N GLU A 140 -16.91 -19.68 17.88
CA GLU A 140 -17.73 -20.81 17.46
C GLU A 140 -17.04 -21.83 16.58
N ASP A 141 -17.63 -23.00 16.49
CA ASP A 141 -17.16 -24.01 15.54
C ASP A 141 -17.35 -23.44 14.13
N GLU A 142 -18.10 -22.36 14.03
CA GLU A 142 -18.62 -21.94 12.77
C GLU A 142 -19.31 -20.60 12.95
N GLY A 143 -19.08 -19.68 12.03
CA GLY A 143 -19.68 -18.35 12.12
C GLY A 143 -19.45 -17.53 10.87
N VAL A 144 -20.14 -16.40 10.82
CA VAL A 144 -20.04 -15.47 9.71
C VAL A 144 -19.36 -14.17 10.13
N ILE A 145 -18.47 -13.69 9.26
CA ILE A 145 -17.70 -12.51 9.51
C ILE A 145 -17.51 -11.74 8.21
N ASN A 146 -17.21 -10.45 8.32
CA ASN A 146 -16.73 -9.66 7.17
C ASN A 146 -15.22 -9.70 7.16
N LEU A 147 -14.67 -10.40 6.16
CA LEU A 147 -13.24 -10.71 6.10
C LEU A 147 -12.40 -9.44 6.05
N LEU A 148 -12.93 -8.43 5.37
CA LEU A 148 -12.20 -7.19 5.16
C LEU A 148 -12.07 -6.37 6.43
N GLU A 149 -13.14 -6.28 7.20
CA GLU A 149 -13.07 -5.62 8.51
C GLU A 149 -12.09 -6.38 9.42
N ASP A 150 -12.15 -7.70 9.36
CA ASP A 150 -11.36 -8.54 10.25
C ASP A 150 -9.87 -8.61 9.91
N CYS A 151 -9.53 -8.76 8.63
CA CYS A 151 -8.12 -8.62 8.30
C CYS A 151 -7.58 -7.25 8.71
N GLY A 152 -8.37 -6.20 8.56
CA GLY A 152 -7.94 -4.86 8.91
C GLY A 152 -7.48 -4.78 10.33
N ALA A 153 -8.27 -5.37 11.23
CA ALA A 153 -7.98 -5.32 12.63
C ALA A 153 -6.72 -6.16 12.89
N MET A 154 -6.60 -7.30 12.22
CA MET A 154 -5.42 -8.12 12.40
C MET A 154 -4.16 -7.40 11.94
N ILE A 155 -4.23 -6.66 10.83
CA ILE A 155 -3.06 -5.98 10.28
C ILE A 155 -2.55 -4.90 11.23
N ILE A 156 -3.44 -4.08 11.75
CA ILE A 156 -3.01 -3.04 12.68
C ILE A 156 -2.56 -3.66 14.04
N ASN A 157 -3.19 -4.75 14.46
CA ASN A 157 -2.80 -5.39 15.72
C ASN A 157 -1.40 -6.01 15.66
N THR A 158 -1.16 -6.76 14.59
CA THR A 158 0.08 -7.36 14.33
C THR A 158 1.16 -6.32 14.14
N ALA A 159 0.88 -5.32 13.32
CA ALA A 159 1.86 -4.23 13.14
C ALA A 159 2.29 -3.65 14.48
N CYS A 160 1.33 -3.30 15.31
CA CYS A 160 1.67 -2.75 16.61
C CYS A 160 2.50 -3.71 17.48
N GLN A 161 2.26 -5.03 17.43
CA GLN A 161 3.08 -5.97 18.29
C GLN A 161 4.50 -6.04 17.79
N CYS A 162 4.65 -6.21 16.49
CA CYS A 162 5.96 -6.25 15.88
C CYS A 162 6.73 -4.97 16.11
N LEU A 163 6.08 -3.83 15.95
CA LEU A 163 6.78 -2.58 15.81
C LEU A 163 6.89 -1.76 17.04
N PHE A 164 6.01 -1.94 18.00
CA PHE A 164 6.02 -1.04 19.14
C PHE A 164 6.37 -1.82 20.34
N GLY A 165 6.93 -1.11 21.31
CA GLY A 165 7.41 -1.71 22.50
C GLY A 165 6.25 -1.90 23.42
N GLU A 166 6.53 -2.60 24.50
CA GLU A 166 5.56 -3.00 25.49
C GLU A 166 5.05 -1.68 26.15
N ASP A 167 5.99 -0.83 26.54
CA ASP A 167 5.61 0.46 27.14
C ASP A 167 4.82 1.41 26.23
N LEU A 168 5.06 1.35 24.93
CA LEU A 168 4.29 2.17 23.99
C LEU A 168 2.86 1.66 23.82
N ARG A 169 2.70 0.36 23.59
CA ARG A 169 1.36 -0.23 23.43
C ARG A 169 0.52 -0.06 24.67
N LYS A 170 1.12 -0.08 25.84
CA LYS A 170 0.38 0.16 27.07
C LYS A 170 -0.29 1.54 26.98
N ARG A 171 0.43 2.53 26.45
CA ARG A 171 -0.03 3.94 26.46
C ARG A 171 -0.87 4.38 25.26
N LEU A 172 -0.92 3.52 24.25
CA LEU A 172 -1.54 3.86 23.00
C LEU A 172 -1.68 2.57 22.23
N ASN A 173 -2.86 1.98 22.32
CA ASN A 173 -3.06 0.62 21.84
C ASN A 173 -3.50 0.60 20.38
N ALA A 174 -3.66 -0.60 19.80
CA ALA A 174 -3.90 -0.70 18.40
C ALA A 174 -5.26 -0.17 17.97
N ARG A 175 -6.25 -0.12 18.87
CA ARG A 175 -7.58 0.35 18.52
C ARG A 175 -7.61 1.87 18.48
N HIS A 176 -6.86 2.52 19.36
CA HIS A 176 -6.74 3.97 19.35
C HIS A 176 -5.90 4.42 18.17
N PHE A 177 -5.00 3.56 17.72
CA PHE A 177 -4.14 3.90 16.63
C PHE A 177 -4.91 3.83 15.29
N ALA A 178 -5.61 2.72 15.07
CA ALA A 178 -6.40 2.56 13.87
C ALA A 178 -7.40 3.71 13.66
N GLN A 179 -7.86 4.26 14.79
CA GLN A 179 -8.82 5.32 14.81
C GLN A 179 -8.23 6.61 14.40
N LEU A 180 -7.08 6.93 14.99
CA LEU A 180 -6.35 8.11 14.58
C LEU A 180 -6.10 8.02 13.07
N LEU A 181 -5.56 6.91 12.60
CA LEU A 181 -5.25 6.76 11.18
C LEU A 181 -6.48 6.83 10.27
N SER A 182 -7.61 6.34 10.78
CA SER A 182 -8.85 6.38 10.04
C SER A 182 -9.43 7.80 10.02
N LYS A 183 -9.31 8.52 11.14
CA LYS A 183 -9.73 9.92 11.19
C LYS A 183 -8.86 10.75 10.25
N MET A 184 -7.57 10.49 10.17
CA MET A 184 -6.69 11.30 9.33
C MET A 184 -7.00 11.05 7.87
N GLU A 185 -7.22 9.80 7.51
CA GLU A 185 -7.60 9.46 6.15
C GLU A 185 -8.83 10.22 5.73
N SER A 186 -9.80 10.33 6.63
CA SER A 186 -11.10 10.90 6.28
C SER A 186 -11.05 12.44 6.15
N SER A 187 -9.92 13.02 6.52
CA SER A 187 -9.72 14.45 6.32
C SER A 187 -9.12 14.83 4.95
N LEU A 188 -8.82 13.82 4.13
CA LEU A 188 -8.09 14.04 2.90
C LEU A 188 -9.05 14.35 1.77
N ILE A 189 -8.54 15.09 0.80
CA ILE A 189 -9.26 15.38 -0.42
C ILE A 189 -8.38 14.79 -1.50
N PRO A 190 -8.54 13.49 -1.80
CA PRO A 190 -7.74 12.85 -2.82
C PRO A 190 -7.74 13.57 -4.18
N ALA A 191 -8.79 14.28 -4.53
CA ALA A 191 -8.84 14.98 -5.83
C ALA A 191 -8.02 16.27 -5.85
N ALA A 192 -7.62 16.73 -4.68
CA ALA A 192 -6.81 17.93 -4.53
C ALA A 192 -5.38 17.74 -5.07
N VAL A 193 -5.02 16.49 -5.40
CA VAL A 193 -3.88 16.15 -6.28
C VAL A 193 -3.93 16.95 -7.59
N PHE A 194 -5.14 17.25 -8.05
CA PHE A 194 -5.40 18.01 -9.27
C PHE A 194 -5.92 19.40 -8.95
N MET A 195 -5.82 19.80 -7.68
CA MET A 195 -6.27 21.12 -7.26
C MET A 195 -5.22 21.67 -6.31
N PRO A 196 -4.01 21.88 -6.81
CA PRO A 196 -3.01 22.46 -5.94
C PRO A 196 -3.34 23.83 -5.43
N TRP A 197 -4.12 24.60 -6.16
CA TRP A 197 -4.61 25.92 -5.63
C TRP A 197 -5.35 25.79 -4.23
N LEU A 198 -6.07 24.67 -4.07
CA LEU A 198 -6.88 24.43 -2.87
C LEU A 198 -6.00 24.24 -1.64
N LEU A 199 -4.88 23.57 -1.82
CA LEU A 199 -4.01 23.25 -0.70
C LEU A 199 -3.23 24.47 -0.25
N ARG A 200 -3.21 25.54 -1.02
CA ARG A 200 -2.66 26.79 -0.50
C ARG A 200 -3.63 27.54 0.42
N LEU A 201 -4.90 27.09 0.56
CA LEU A 201 -5.92 27.80 1.35
C LEU A 201 -6.07 27.17 2.75
N PRO A 202 -6.36 27.97 3.79
CA PRO A 202 -6.55 27.30 5.08
C PRO A 202 -7.70 26.32 5.06
N LEU A 203 -7.50 25.07 5.51
CA LEU A 203 -8.59 24.07 5.65
C LEU A 203 -8.77 23.66 7.09
N PRO A 204 -9.98 23.71 7.63
CA PRO A 204 -10.09 23.45 9.08
C PRO A 204 -9.70 22.06 9.46
N GLN A 205 -10.02 21.12 8.60
CA GLN A 205 -9.65 19.74 8.87
C GLN A 205 -8.13 19.57 8.93
N SER A 206 -7.36 20.43 8.26
CA SER A 206 -5.91 20.40 8.38
C SER A 206 -5.52 20.71 9.81
N ALA A 207 -6.04 21.77 10.40
CA ALA A 207 -5.69 22.04 11.79
C ALA A 207 -6.05 20.88 12.71
N ARG A 208 -7.19 20.23 12.46
CA ARG A 208 -7.64 19.18 13.36
C ARG A 208 -6.68 18.00 13.34
N CYS A 209 -6.21 17.64 12.16
CA CYS A 209 -5.27 16.54 12.08
C CYS A 209 -3.89 16.91 12.66
N ARG A 210 -3.50 18.18 12.55
CA ARG A 210 -2.31 18.72 13.22
C ARG A 210 -2.45 18.64 14.76
N GLU A 211 -3.60 19.02 15.30
CA GLU A 211 -3.84 18.88 16.73
C GLU A 211 -3.77 17.42 17.16
N ALA A 212 -4.40 16.52 16.41
CA ALA A 212 -4.38 15.10 16.77
C ALA A 212 -2.96 14.52 16.76
N ARG A 213 -2.17 14.91 15.77
CA ARG A 213 -0.81 14.47 15.67
C ARG A 213 0.02 15.03 16.83
N ALA A 214 -0.26 16.25 17.26
CA ALA A 214 0.48 16.82 18.40
C ALA A 214 0.30 15.97 19.64
N GLU A 215 -0.89 15.38 19.81
CA GLU A 215 -1.24 14.58 20.99
C GLU A 215 -0.49 13.26 20.93
N LEU A 216 -0.35 12.71 19.75
CA LEU A 216 0.46 11.53 19.58
C LEU A 216 1.93 11.84 19.86
N GLN A 217 2.40 12.95 19.38
CA GLN A 217 3.77 13.35 19.59
C GLN A 217 4.08 13.55 21.09
N LYS A 218 3.15 14.13 21.84
CA LYS A 218 3.26 14.30 23.29
C LYS A 218 3.34 12.93 23.99
N ILE A 219 2.55 11.97 23.51
CA ILE A 219 2.65 10.65 24.05
C ILE A 219 4.02 10.00 23.77
N LEU A 220 4.57 10.20 22.58
CA LEU A 220 5.85 9.58 22.26
C LEU A 220 6.95 10.27 23.08
N GLY A 221 6.85 11.57 23.27
CA GLY A 221 7.78 12.25 24.18
C GLY A 221 7.78 11.71 25.60
N GLU A 222 6.60 11.52 26.18
CA GLU A 222 6.47 11.03 27.56
C GLU A 222 7.17 9.68 27.73
N ILE A 223 7.11 8.85 26.70
CA ILE A 223 7.71 7.51 26.68
C ILE A 223 9.24 7.50 26.59
N ILE A 224 9.76 8.40 25.78
CA ILE A 224 11.19 8.54 25.61
C ILE A 224 11.82 9.03 26.91
N VAL A 225 11.14 9.92 27.58
CA VAL A 225 11.63 10.43 28.85
C VAL A 225 11.62 9.30 29.86
N ALA A 226 10.54 8.52 29.84
CA ALA A 226 10.40 7.40 30.74
C ALA A 226 11.50 6.37 30.46
N ARG A 227 11.62 5.90 29.21
CA ARG A 227 12.73 5.03 28.82
C ARG A 227 14.09 5.58 29.25
N GLU A 228 14.35 6.87 29.07
CA GLU A 228 15.69 7.40 29.36
C GLU A 228 16.01 7.45 30.86
N LYS A 229 15.05 7.13 31.74
CA LYS A 229 15.17 7.38 33.18
C LYS A 229 15.76 6.18 33.93
N SER A 239 15.26 0.14 20.21
CA SER A 239 15.11 -1.27 19.90
C SER A 239 13.79 -1.66 19.19
N ASP A 240 12.70 -0.99 19.50
CA ASP A 240 11.49 -1.06 18.63
C ASP A 240 11.58 0.02 17.50
N LEU A 241 10.53 0.21 16.71
CA LEU A 241 10.58 1.21 15.62
C LEU A 241 10.91 2.63 16.11
N LEU A 242 10.21 3.08 17.12
CA LEU A 242 10.46 4.39 17.69
C LEU A 242 11.89 4.48 18.14
N GLY A 243 12.37 3.47 18.81
CA GLY A 243 13.69 3.54 19.44
C GLY A 243 14.79 3.48 18.40
N GLY A 244 14.56 2.67 17.39
CA GLY A 244 15.41 2.62 16.23
C GLY A 244 15.56 3.96 15.51
N LEU A 245 14.46 4.68 15.31
CA LEU A 245 14.53 5.91 14.53
C LEU A 245 15.27 7.00 15.29
N LEU A 246 15.05 7.11 16.59
CA LEU A 246 15.83 8.06 17.41
C LEU A 246 17.33 7.76 17.53
N LYS A 247 17.77 6.58 17.10
CA LYS A 247 19.21 6.26 17.00
C LYS A 247 19.82 6.79 15.72
N ALA A 248 18.98 7.22 14.77
CA ALA A 248 19.41 7.57 13.43
C ALA A 248 20.23 8.85 13.40
N VAL A 249 21.26 8.85 12.58
CA VAL A 249 22.09 10.04 12.44
C VAL A 249 22.17 10.45 10.97
N TYR A 250 21.86 11.69 10.69
CA TYR A 250 21.98 12.20 9.35
C TYR A 250 23.46 12.32 8.98
N ARG A 251 23.74 12.47 7.69
CA ARG A 251 25.12 12.65 7.21
C ARG A 251 25.82 13.85 7.83
N ASP A 252 25.07 14.91 8.14
CA ASP A 252 25.65 16.08 8.82
C ASP A 252 25.89 15.89 10.32
N GLY A 253 25.66 14.68 10.86
CA GLY A 253 25.94 14.37 12.24
C GLY A 253 24.87 14.77 13.24
N THR A 254 23.70 15.15 12.76
CA THR A 254 22.57 15.43 13.65
C THR A 254 21.53 14.33 13.69
N ARG A 255 20.69 14.36 14.71
CA ARG A 255 19.56 13.43 14.89
C ARG A 255 18.24 13.91 14.28
N MET A 256 17.35 12.97 13.98
CA MET A 256 15.99 13.31 13.64
C MET A 256 15.36 13.88 14.90
N SER A 257 14.56 14.92 14.72
CA SER A 257 13.80 15.48 15.78
C SER A 257 12.65 14.55 16.07
N LEU A 258 12.05 14.71 17.25
CA LEU A 258 10.91 13.90 17.63
C LEU A 258 9.72 14.16 16.70
N HIS A 259 9.54 15.42 16.32
CA HIS A 259 8.56 15.77 15.28
C HIS A 259 8.68 14.92 14.04
N GLU A 260 9.91 14.82 13.54
CA GLU A 260 10.20 14.09 12.32
C GLU A 260 9.96 12.60 12.54
N VAL A 261 10.27 12.14 13.75
CA VAL A 261 10.15 10.74 14.05
C VAL A 261 8.68 10.37 14.21
N CYS A 262 7.95 11.15 14.98
CA CYS A 262 6.49 11.00 15.03
C CYS A 262 5.91 10.92 13.61
N GLY A 263 6.33 11.84 12.75
CA GLY A 263 5.87 11.84 11.40
C GLY A 263 6.12 10.54 10.63
N MET A 264 7.32 9.97 10.77
CA MET A 264 7.65 8.77 10.00
C MET A 264 6.92 7.54 10.51
N ILE A 265 6.61 7.55 11.80
CA ILE A 265 5.85 6.47 12.40
C ILE A 265 4.46 6.50 11.83
N VAL A 266 3.82 7.67 11.88
CA VAL A 266 2.54 7.87 11.23
C VAL A 266 2.52 7.51 9.73
N ALA A 267 3.54 7.93 8.97
CA ALA A 267 3.63 7.46 7.59
C ALA A 267 3.73 5.93 7.53
N ALA A 268 4.59 5.35 8.35
CA ALA A 268 4.73 3.90 8.34
C ALA A 268 3.36 3.23 8.45
N MET A 269 2.64 3.53 9.53
CA MET A 269 1.38 2.90 9.85
C MET A 269 0.30 3.22 8.80
N PHE A 270 0.25 4.48 8.38
CA PHE A 270 -0.74 4.92 7.39
C PHE A 270 -0.63 4.09 6.11
N ALA A 271 0.59 3.92 5.65
CA ALA A 271 0.83 3.23 4.42
C ALA A 271 0.32 1.84 4.41
N GLY A 272 0.46 1.16 5.56
CA GLY A 272 0.18 -0.28 5.66
C GLY A 272 -1.25 -0.61 6.03
N GLN A 273 -1.94 0.26 6.78
CA GLN A 273 -3.33 0.02 7.21
C GLN A 273 -4.18 -0.63 6.10
N HIS A 274 -4.21 -0.10 4.90
CA HIS A 274 -5.19 -0.56 3.92
C HIS A 274 -4.64 -1.50 2.88
N THR A 275 -3.44 -1.20 2.42
CA THR A 275 -2.80 -1.95 1.39
C THR A 275 -2.60 -3.39 1.83
N SER A 276 -2.08 -3.59 3.04
CA SER A 276 -1.79 -4.95 3.55
C SER A 276 -3.10 -5.67 3.89
N THR A 277 -4.02 -4.95 4.51
CA THR A 277 -5.37 -5.43 4.74
C THR A 277 -5.97 -5.97 3.46
N ILE A 278 -5.98 -5.14 2.43
CA ILE A 278 -6.56 -5.50 1.17
C ILE A 278 -5.83 -6.68 0.54
N THR A 279 -4.53 -6.72 0.64
CA THR A 279 -3.80 -7.81 0.06
C THR A 279 -4.07 -9.16 0.77
N THR A 280 -4.14 -9.15 2.09
CA THR A 280 -4.48 -10.34 2.87
C THR A 280 -5.91 -10.82 2.45
N SER A 281 -6.82 -9.87 2.34
CA SER A 281 -8.18 -10.17 2.06
C SER A 281 -8.34 -10.80 0.66
N TRP A 282 -7.87 -10.16 -0.39
CA TRP A 282 -7.91 -10.73 -1.72
C TRP A 282 -7.28 -12.13 -1.73
N SER A 283 -6.12 -12.28 -1.11
CA SER A 283 -5.44 -13.55 -1.20
C SER A 283 -6.32 -14.67 -0.57
N MET A 284 -6.89 -14.38 0.59
CA MET A 284 -7.82 -15.31 1.18
C MET A 284 -9.05 -15.55 0.33
N LEU A 285 -9.60 -14.51 -0.26
CA LEU A 285 -10.82 -14.66 -1.06
C LEU A 285 -10.61 -15.59 -2.23
N HIS A 286 -9.41 -15.56 -2.79
CA HIS A 286 -9.11 -16.41 -3.93
C HIS A 286 -8.90 -17.88 -3.47
N LEU A 287 -8.13 -18.03 -2.41
CA LEU A 287 -7.73 -19.34 -1.93
C LEU A 287 -8.94 -20.17 -1.51
N MET A 288 -9.93 -19.52 -0.88
CA MET A 288 -11.11 -20.19 -0.33
C MET A 288 -12.18 -20.51 -1.36
N HIS A 289 -12.03 -19.95 -2.56
CA HIS A 289 -12.98 -20.16 -3.62
C HIS A 289 -12.86 -21.57 -4.21
N PRO A 290 -13.99 -22.26 -4.35
CA PRO A 290 -14.04 -23.61 -4.91
C PRO A 290 -13.20 -23.75 -6.17
N LYS A 291 -13.44 -22.88 -7.13
CA LYS A 291 -12.67 -22.86 -8.39
C LYS A 291 -11.13 -22.94 -8.20
N ASN A 292 -10.63 -22.60 -7.01
CA ASN A 292 -9.20 -22.65 -6.72
C ASN A 292 -8.78 -23.70 -5.67
N LYS A 293 -9.51 -24.82 -5.58
CA LYS A 293 -9.15 -25.88 -4.61
C LYS A 293 -7.70 -26.34 -4.86
N LYS A 294 -7.31 -26.44 -6.14
CA LYS A 294 -5.94 -26.83 -6.52
C LYS A 294 -4.91 -26.01 -5.73
N TRP A 295 -5.06 -24.69 -5.72
CA TRP A 295 -4.10 -23.80 -5.06
C TRP A 295 -4.18 -23.89 -3.56
N LEU A 296 -5.36 -24.19 -3.04
CA LEU A 296 -5.51 -24.28 -1.60
C LEU A 296 -4.80 -25.52 -1.09
N ASP A 297 -5.01 -26.65 -1.80
CA ASP A 297 -4.34 -27.93 -1.50
C ASP A 297 -2.83 -27.73 -1.61
N LYS A 298 -2.40 -27.13 -2.73
CA LYS A 298 -1.01 -26.70 -2.91
C LYS A 298 -0.42 -25.79 -1.81
N LEU A 299 -1.26 -24.96 -1.17
CA LEU A 299 -0.79 -24.15 -0.04
C LEU A 299 -0.66 -24.98 1.21
N HIS A 300 -1.63 -25.88 1.41
CA HIS A 300 -1.61 -26.78 2.54
C HIS A 300 -0.40 -27.76 2.48
N LYS A 301 -0.09 -28.30 1.30
CA LYS A 301 1.10 -29.16 1.13
C LYS A 301 2.32 -28.36 1.58
N GLU A 302 2.36 -27.06 1.26
CA GLU A 302 3.45 -26.20 1.77
C GLU A 302 3.48 -25.94 3.32
N ILE A 303 2.35 -25.77 3.98
CA ILE A 303 2.39 -25.24 5.35
C ILE A 303 2.03 -26.22 6.47
N ASP A 304 1.42 -27.35 6.10
CA ASP A 304 1.14 -28.44 7.04
C ASP A 304 2.42 -29.06 7.61
N GLU A 305 3.51 -28.98 6.83
CA GLU A 305 4.86 -29.36 7.26
C GLU A 305 5.36 -28.63 8.53
N PHE A 306 4.87 -27.42 8.79
CA PHE A 306 5.48 -26.54 9.81
C PHE A 306 5.01 -26.76 11.25
N PRO A 307 5.89 -26.53 12.23
CA PRO A 307 5.42 -26.56 13.63
C PRO A 307 4.36 -25.50 13.90
N ALA A 308 3.68 -25.61 15.02
CA ALA A 308 2.58 -24.71 15.34
C ALA A 308 3.12 -23.30 15.52
N GLN A 309 3.99 -23.14 16.53
CA GLN A 309 4.74 -21.92 16.75
C GLN A 309 5.74 -21.74 15.58
N LEU A 310 5.30 -21.08 14.49
CA LEU A 310 6.15 -20.80 13.32
C LEU A 310 7.31 -19.87 13.65
N ASN A 311 8.25 -19.79 12.71
CA ASN A 311 9.41 -18.90 12.88
C ASN A 311 9.77 -18.15 11.60
N TYR A 312 10.62 -17.14 11.80
CA TYR A 312 11.15 -16.30 10.74
C TYR A 312 11.56 -17.10 9.54
N ASP A 313 12.33 -18.17 9.79
CA ASP A 313 12.85 -19.01 8.69
C ASP A 313 11.75 -19.66 7.86
N ASN A 314 10.71 -20.14 8.52
CA ASN A 314 9.57 -20.73 7.82
C ASN A 314 8.90 -19.83 6.79
N VAL A 315 8.46 -18.66 7.26
CA VAL A 315 7.67 -17.70 6.46
C VAL A 315 8.52 -17.03 5.38
N MET A 316 9.69 -16.53 5.79
CA MET A 316 10.63 -15.87 4.88
C MET A 316 11.16 -16.85 3.88
N ASP A 317 11.88 -17.84 4.38
CA ASP A 317 12.75 -18.68 3.57
C ASP A 317 11.97 -19.90 2.99
N GLU A 318 10.94 -20.37 3.69
CA GLU A 318 10.27 -21.63 3.30
C GLU A 318 8.81 -21.53 2.88
N MET A 319 8.39 -20.40 2.30
CA MET A 319 7.02 -20.26 1.74
C MET A 319 6.92 -19.67 0.32
N PRO A 320 7.68 -20.20 -0.65
CA PRO A 320 7.64 -19.60 -1.99
C PRO A 320 6.25 -19.52 -2.65
N PHE A 321 5.37 -20.49 -2.38
CA PHE A 321 4.07 -20.57 -3.07
C PHE A 321 3.00 -19.68 -2.43
N ALA A 322 3.07 -19.51 -1.12
CA ALA A 322 2.27 -18.49 -0.44
C ALA A 322 2.62 -17.14 -1.02
N GLU A 323 3.91 -16.90 -1.27
CA GLU A 323 4.34 -15.60 -1.77
C GLU A 323 3.76 -15.36 -3.12
N ARG A 324 3.78 -16.36 -3.99
CA ARG A 324 3.14 -16.25 -5.29
C ARG A 324 1.66 -15.89 -5.20
N CYS A 325 0.92 -16.55 -4.31
CA CYS A 325 -0.52 -16.29 -4.12
C CYS A 325 -0.77 -14.84 -3.73
N VAL A 326 0.08 -14.32 -2.85
CA VAL A 326 0.05 -12.93 -2.49
C VAL A 326 0.37 -11.99 -3.66
N ARG A 327 1.45 -12.27 -4.38
CA ARG A 327 1.88 -11.49 -5.51
C ARG A 327 0.81 -11.39 -6.58
N GLU A 328 0.15 -12.50 -6.90
CA GLU A 328 -0.83 -12.54 -7.99
C GLU A 328 -2.16 -11.86 -7.62
N SER A 329 -2.45 -11.84 -6.33
CA SER A 329 -3.57 -11.06 -5.80
C SER A 329 -3.27 -9.59 -5.98
N ILE A 330 -2.03 -9.19 -5.72
CA ILE A 330 -1.63 -7.83 -5.99
C ILE A 330 -1.46 -7.61 -7.46
N ARG A 331 -1.14 -8.63 -8.22
CA ARG A 331 -1.07 -8.46 -9.67
C ARG A 331 -2.48 -8.18 -10.21
N ARG A 332 -3.43 -9.04 -9.87
CA ARG A 332 -4.76 -8.90 -10.42
C ARG A 332 -5.48 -7.62 -9.92
N ASP A 333 -5.30 -7.30 -8.65
CA ASP A 333 -6.05 -6.21 -8.06
C ASP A 333 -5.16 -5.32 -7.24
N PRO A 334 -4.30 -4.57 -7.92
CA PRO A 334 -3.32 -3.77 -7.21
C PRO A 334 -3.99 -2.72 -6.32
N PRO A 335 -3.62 -2.64 -5.04
CA PRO A 335 -4.28 -1.66 -4.18
C PRO A 335 -4.07 -0.20 -4.53
N LEU A 336 -2.93 0.16 -5.13
CA LEU A 336 -2.70 1.52 -5.58
C LEU A 336 -2.77 1.51 -7.10
N LEU A 337 -3.82 2.08 -7.66
CA LEU A 337 -4.10 2.00 -9.10
C LEU A 337 -3.09 2.73 -9.95
N MET A 338 -2.48 3.77 -9.39
CA MET A 338 -1.54 4.62 -10.12
C MET A 338 -0.38 5.03 -9.27
N VAL A 339 0.70 5.37 -9.94
CA VAL A 339 1.89 5.89 -9.36
C VAL A 339 2.16 7.15 -10.17
N MET A 340 2.62 8.22 -9.54
CA MET A 340 2.56 9.56 -10.12
C MET A 340 3.81 10.36 -9.80
N ARG A 341 4.27 11.16 -10.76
CA ARG A 341 5.26 12.18 -10.48
C ARG A 341 4.94 13.45 -11.20
N MET A 342 5.51 14.53 -10.67
CA MET A 342 5.52 15.82 -11.31
C MET A 342 6.79 15.87 -12.17
N VAL A 343 6.65 16.14 -13.45
CA VAL A 343 7.80 16.31 -14.33
C VAL A 343 8.48 17.68 -14.10
N LYS A 344 9.58 17.72 -13.39
CA LYS A 344 10.36 18.95 -13.18
C LYS A 344 11.34 19.33 -14.34
N ALA A 345 11.52 18.44 -15.32
CA ALA A 345 12.37 18.67 -16.52
C ALA A 345 12.00 17.65 -17.60
N GLU A 346 11.96 18.04 -18.86
CA GLU A 346 11.26 17.19 -19.80
C GLU A 346 11.91 15.83 -19.93
N VAL A 347 11.10 14.79 -20.09
CA VAL A 347 11.60 13.42 -20.14
C VAL A 347 11.12 12.65 -21.35
N LYS A 348 12.04 11.89 -21.93
CA LYS A 348 11.79 11.03 -23.08
C LYS A 348 10.97 9.82 -22.60
N VAL A 349 9.94 9.45 -23.34
CA VAL A 349 9.21 8.19 -23.11
C VAL A 349 8.73 7.67 -24.46
N GLY A 350 9.25 6.51 -24.85
CA GLY A 350 8.98 5.96 -26.19
C GLY A 350 9.44 6.96 -27.23
N SER A 351 8.57 7.28 -28.19
CA SER A 351 8.89 8.27 -29.22
C SER A 351 8.50 9.68 -28.78
N TYR A 352 8.07 9.81 -27.53
CA TYR A 352 7.50 11.06 -27.09
C TYR A 352 8.39 11.83 -26.15
N VAL A 353 8.04 13.06 -25.91
CA VAL A 353 8.64 13.81 -24.84
C VAL A 353 7.49 14.31 -24.00
N VAL A 354 7.62 14.11 -22.70
CA VAL A 354 6.68 14.62 -21.71
C VAL A 354 7.24 15.97 -21.16
N PRO A 355 6.52 17.09 -21.37
CA PRO A 355 6.99 18.43 -21.02
C PRO A 355 6.96 18.73 -19.54
N LYS A 356 7.80 19.69 -19.10
CA LYS A 356 7.88 20.22 -17.74
C LYS A 356 6.48 20.62 -17.27
N GLY A 357 6.13 20.24 -16.04
CA GLY A 357 4.80 20.57 -15.50
C GLY A 357 3.69 19.57 -15.63
N ASP A 358 3.85 18.53 -16.46
CA ASP A 358 2.88 17.44 -16.42
C ASP A 358 2.99 16.63 -15.14
N ILE A 359 1.89 16.05 -14.73
CA ILE A 359 1.94 14.83 -13.93
C ILE A 359 2.18 13.67 -14.90
N ILE A 360 3.16 12.85 -14.56
CA ILE A 360 3.43 11.65 -15.32
C ILE A 360 3.11 10.49 -14.41
N ALA A 361 2.39 9.53 -14.98
CA ALA A 361 1.82 8.48 -14.20
C ALA A 361 2.04 7.17 -14.87
N CYS A 362 2.24 6.18 -14.02
CA CYS A 362 2.22 4.79 -14.38
C CYS A 362 1.17 4.07 -13.58
N SER A 363 0.54 3.07 -14.19
CA SER A 363 -0.63 2.42 -13.61
C SER A 363 -0.46 0.93 -13.44
N PRO A 364 -0.26 0.47 -12.20
CA PRO A 364 -0.16 -0.95 -11.95
C PRO A 364 -1.39 -1.73 -12.45
N LEU A 365 -2.58 -1.16 -12.27
CA LEU A 365 -3.77 -1.74 -12.82
C LEU A 365 -3.69 -1.96 -14.32
N LEU A 366 -3.31 -0.92 -15.03
CA LEU A 366 -3.23 -0.99 -16.48
C LEU A 366 -2.13 -1.96 -16.90
N SER A 367 -0.93 -1.79 -16.33
CA SER A 367 0.18 -2.68 -16.68
C SER A 367 -0.07 -4.09 -16.18
N HIS A 368 -0.74 -4.28 -15.05
CA HIS A 368 -1.12 -5.65 -14.69
C HIS A 368 -2.23 -6.28 -15.55
N HIS A 369 -2.93 -5.49 -16.35
CA HIS A 369 -3.94 -6.07 -17.22
C HIS A 369 -3.63 -6.08 -18.71
N ASP A 370 -2.39 -5.72 -19.04
CA ASP A 370 -1.91 -5.74 -20.39
C ASP A 370 -1.85 -7.21 -20.83
N GLU A 371 -2.52 -7.56 -21.95
CA GLU A 371 -2.56 -8.96 -22.40
C GLU A 371 -1.15 -9.51 -22.77
N GLU A 372 -0.24 -8.65 -23.22
CA GLU A 372 1.09 -9.11 -23.57
C GLU A 372 1.88 -9.54 -22.33
N ALA A 373 1.66 -8.86 -21.20
CA ALA A 373 2.50 -9.04 -19.99
C ALA A 373 2.01 -10.13 -19.04
N PHE A 374 0.71 -10.39 -19.12
CA PHE A 374 0.02 -11.29 -18.24
C PHE A 374 -1.15 -11.83 -19.07
N PRO A 375 -0.84 -12.80 -19.97
CA PRO A 375 -1.96 -13.24 -20.83
C PRO A 375 -3.11 -13.78 -19.97
N ASN A 376 -4.32 -13.58 -20.47
CA ASN A 376 -5.54 -13.79 -19.68
C ASN A 376 -5.48 -13.15 -18.28
N PRO A 377 -5.49 -11.81 -18.25
CA PRO A 377 -5.26 -11.03 -17.04
C PRO A 377 -6.36 -11.12 -15.98
N ARG A 378 -7.59 -11.51 -16.35
CA ARG A 378 -8.67 -11.62 -15.35
C ARG A 378 -8.55 -12.89 -14.49
N LEU A 379 -7.72 -13.84 -14.92
CA LEU A 379 -7.61 -15.13 -14.25
C LEU A 379 -6.62 -15.01 -13.15
N TRP A 380 -7.02 -15.35 -11.94
CA TRP A 380 -6.07 -15.37 -10.85
C TRP A 380 -5.35 -16.68 -11.01
N ASP A 381 -4.03 -16.64 -11.09
CA ASP A 381 -3.26 -17.85 -11.31
C ASP A 381 -1.88 -17.66 -10.67
N PRO A 382 -1.69 -18.12 -9.42
CA PRO A 382 -0.45 -17.83 -8.72
C PRO A 382 0.81 -18.39 -9.40
N GLU A 383 0.62 -19.26 -10.39
CA GLU A 383 1.77 -19.89 -10.99
C GLU A 383 2.19 -19.20 -12.31
N ARG A 384 1.56 -18.06 -12.64
CA ARG A 384 1.98 -17.26 -13.80
C ARG A 384 3.26 -16.47 -13.52
N ASP A 385 3.88 -16.01 -14.58
CA ASP A 385 4.98 -15.09 -14.46
C ASP A 385 4.82 -13.98 -15.45
N GLU A 386 5.38 -12.81 -15.14
CA GLU A 386 5.32 -11.70 -16.10
C GLU A 386 5.98 -12.10 -17.45
N LYS A 387 5.26 -11.93 -18.55
CA LYS A 387 5.81 -12.14 -19.87
C LYS A 387 6.55 -10.93 -20.35
N VAL A 388 6.44 -9.81 -19.64
CA VAL A 388 7.23 -8.61 -19.92
C VAL A 388 7.99 -8.28 -18.68
N ASP A 389 9.29 -8.21 -18.85
CA ASP A 389 10.21 -8.05 -17.76
C ASP A 389 10.02 -6.62 -17.22
N GLY A 390 9.82 -6.49 -15.91
CA GLY A 390 9.49 -5.22 -15.27
C GLY A 390 8.01 -4.81 -15.20
N ALA A 391 7.12 -5.61 -15.76
CA ALA A 391 5.69 -5.25 -15.83
C ALA A 391 5.00 -5.29 -14.48
N PHE A 392 5.47 -6.11 -13.56
CA PHE A 392 4.85 -6.10 -12.29
C PHE A 392 5.43 -4.97 -11.49
N ILE A 393 4.54 -4.07 -11.07
CA ILE A 393 4.89 -2.84 -10.41
C ILE A 393 4.01 -2.58 -9.17
N GLY A 394 3.37 -3.66 -8.66
CA GLY A 394 2.48 -3.55 -7.51
C GLY A 394 3.09 -2.89 -6.28
N PHE A 395 4.41 -3.03 -6.12
CA PHE A 395 5.15 -2.32 -5.12
C PHE A 395 6.13 -1.35 -5.77
N GLY A 396 5.81 -0.86 -6.96
CA GLY A 396 6.68 0.09 -7.63
C GLY A 396 8.03 -0.46 -8.03
N ALA A 397 8.96 0.44 -8.27
CA ALA A 397 10.26 0.07 -8.86
C ALA A 397 11.30 1.20 -8.74
N GLY A 398 12.56 0.83 -8.83
CA GLY A 398 13.60 1.81 -8.85
C GLY A 398 13.65 2.62 -7.57
N VAL A 399 14.02 3.90 -7.74
CA VAL A 399 14.28 4.81 -6.63
C VAL A 399 13.14 4.80 -5.60
N HIS A 400 11.90 4.89 -6.04
CA HIS A 400 10.82 4.99 -5.06
C HIS A 400 10.14 3.68 -4.76
N LYS A 401 10.88 2.57 -4.85
CA LYS A 401 10.31 1.26 -4.57
C LYS A 401 9.79 1.14 -3.13
N CYS A 402 8.69 0.41 -2.96
CA CYS A 402 8.05 0.31 -1.68
C CYS A 402 9.03 -0.19 -0.63
N ILE A 403 9.23 0.57 0.43
CA ILE A 403 10.14 0.13 1.48
C ILE A 403 9.49 -0.72 2.59
N GLY A 404 8.19 -0.96 2.48
CA GLY A 404 7.50 -1.81 3.42
C GLY A 404 7.15 -3.16 2.83
N GLN A 405 7.44 -3.34 1.56
CA GLN A 405 7.19 -4.60 0.90
C GLN A 405 7.54 -5.83 1.74
N LYS A 406 8.70 -5.84 2.41
CA LYS A 406 9.13 -7.06 3.07
C LYS A 406 8.34 -7.32 4.33
N PHE A 407 8.11 -6.27 5.12
CA PHE A 407 7.20 -6.36 6.27
C PHE A 407 5.80 -6.76 5.86
N ALA A 408 5.27 -6.14 4.81
CA ALA A 408 3.92 -6.42 4.38
C ALA A 408 3.81 -7.88 3.95
N LEU A 409 4.67 -8.35 3.05
CA LEU A 409 4.72 -9.78 2.77
C LEU A 409 4.83 -10.69 4.04
N LEU A 410 5.60 -10.27 5.03
CA LEU A 410 5.85 -11.09 6.17
C LEU A 410 4.57 -11.23 6.94
N GLN A 411 4.00 -10.07 7.29
CA GLN A 411 2.74 -9.98 7.99
C GLN A 411 1.69 -10.84 7.34
N VAL A 412 1.55 -10.65 6.03
CA VAL A 412 0.50 -11.27 5.25
C VAL A 412 0.71 -12.76 5.09
N LYS A 413 1.96 -13.18 4.92
CA LYS A 413 2.19 -14.60 4.82
C LYS A 413 1.86 -15.28 6.16
N THR A 414 2.36 -14.74 7.26
CA THR A 414 2.14 -15.28 8.58
C THR A 414 0.64 -15.40 8.87
N ILE A 415 -0.11 -14.38 8.48
CA ILE A 415 -1.55 -14.37 8.73
C ILE A 415 -2.22 -15.47 7.89
N LEU A 416 -1.79 -15.64 6.64
CA LEU A 416 -2.31 -16.70 5.80
C LEU A 416 -2.09 -18.08 6.41
N ALA A 417 -0.87 -18.36 6.83
CA ALA A 417 -0.52 -19.68 7.37
C ALA A 417 -1.30 -19.95 8.65
N THR A 418 -1.21 -19.05 9.61
CA THR A 418 -1.91 -19.18 10.88
C THR A 418 -3.41 -19.40 10.75
N ALA A 419 -4.01 -18.71 9.78
CA ALA A 419 -5.44 -18.73 9.64
C ALA A 419 -5.85 -19.97 8.92
N PHE A 420 -5.11 -20.38 7.91
CA PHE A 420 -5.58 -21.48 7.07
C PHE A 420 -5.32 -22.87 7.66
N ARG A 421 -4.28 -22.95 8.52
CA ARG A 421 -3.90 -24.15 9.31
C ARG A 421 -4.99 -24.46 10.35
N GLU A 422 -5.68 -23.43 10.84
CA GLU A 422 -6.64 -23.58 11.93
C GLU A 422 -8.13 -23.44 11.57
N TYR A 423 -8.45 -22.97 10.37
CA TYR A 423 -9.86 -22.80 9.93
C TYR A 423 -10.02 -23.04 8.44
N ASP A 424 -11.24 -23.34 7.99
CA ASP A 424 -11.54 -23.28 6.57
C ASP A 424 -12.47 -22.11 6.41
N PHE A 425 -12.67 -21.70 5.16
CA PHE A 425 -13.47 -20.51 4.88
C PHE A 425 -14.35 -20.72 3.66
N GLN A 426 -15.55 -20.18 3.72
CA GLN A 426 -16.41 -20.23 2.55
C GLN A 426 -17.04 -18.87 2.36
N LEU A 427 -16.91 -18.38 1.14
CA LEU A 427 -17.42 -17.12 0.73
C LEU A 427 -18.92 -17.26 0.62
N LEU A 428 -19.66 -16.28 1.12
CA LEU A 428 -21.12 -16.37 1.07
C LEU A 428 -21.72 -15.75 -0.19
N ARG A 429 -21.12 -16.07 -1.35
CA ARG A 429 -21.55 -15.57 -2.66
C ARG A 429 -20.84 -16.35 -3.76
N ASP A 430 -21.45 -16.40 -4.93
CA ASP A 430 -20.92 -17.21 -6.03
C ASP A 430 -19.48 -16.78 -6.45
N GLU A 431 -19.29 -15.55 -6.93
CA GLU A 431 -17.98 -15.09 -7.46
C GLU A 431 -17.21 -14.24 -6.44
N VAL A 432 -15.90 -14.27 -6.54
CA VAL A 432 -15.03 -13.36 -5.80
C VAL A 432 -15.54 -11.92 -5.90
N PRO A 433 -15.39 -11.17 -4.81
CA PRO A 433 -15.81 -9.78 -4.83
C PRO A 433 -15.31 -8.95 -6.00
N ASP A 434 -16.15 -8.01 -6.41
CA ASP A 434 -15.75 -6.97 -7.34
C ASP A 434 -14.89 -6.01 -6.53
N PRO A 435 -13.83 -5.48 -7.14
CA PRO A 435 -13.12 -4.38 -6.52
C PRO A 435 -14.02 -3.19 -6.58
N ASP A 436 -13.83 -2.32 -5.61
CA ASP A 436 -14.57 -1.05 -5.45
C ASP A 436 -13.49 0.02 -5.66
N TYR A 437 -13.61 0.73 -6.78
CA TYR A 437 -12.59 1.63 -7.25
C TYR A 437 -12.84 3.04 -6.75
N HIS A 438 -13.92 3.27 -6.05
CA HIS A 438 -14.16 4.63 -5.52
C HIS A 438 -13.16 5.11 -4.50
N THR A 439 -12.52 4.20 -3.79
CA THR A 439 -11.61 4.55 -2.70
C THR A 439 -10.17 4.81 -3.10
N MET A 440 -9.46 5.49 -2.20
CA MET A 440 -8.08 5.88 -2.41
C MET A 440 -7.23 4.64 -2.61
N VAL A 441 -7.32 3.72 -1.66
CA VAL A 441 -6.75 2.41 -1.83
C VAL A 441 -7.86 1.49 -2.23
N VAL A 442 -7.80 0.95 -3.41
CA VAL A 442 -8.80 -0.01 -3.90
C VAL A 442 -8.68 -1.42 -3.31
N GLY A 443 -9.79 -1.91 -2.75
CA GLY A 443 -9.90 -3.29 -2.35
C GLY A 443 -11.24 -3.92 -2.76
N PRO A 444 -11.51 -5.15 -2.29
CA PRO A 444 -12.74 -5.81 -2.60
C PRO A 444 -13.91 -5.10 -1.97
N THR A 445 -15.03 -5.03 -2.67
CA THR A 445 -16.20 -4.37 -2.11
C THR A 445 -16.68 -4.88 -0.75
N LEU A 446 -16.86 -3.98 0.21
CA LEU A 446 -17.01 -4.36 1.63
C LEU A 446 -18.15 -5.32 1.86
N ASN A 447 -19.34 -4.97 1.36
CA ASN A 447 -20.53 -5.80 1.63
C ASN A 447 -20.64 -7.01 0.72
N GLN A 448 -19.56 -7.34 0.01
CA GLN A 448 -19.43 -8.60 -0.72
C GLN A 448 -18.46 -9.53 -0.02
N CYS A 449 -17.86 -9.08 1.08
CA CYS A 449 -16.87 -9.88 1.79
C CYS A 449 -17.42 -10.72 2.95
N LEU A 450 -18.70 -11.10 2.94
CA LEU A 450 -19.16 -11.96 4.04
C LEU A 450 -18.59 -13.36 3.79
N VAL A 451 -18.14 -14.00 4.88
CA VAL A 451 -17.44 -15.29 4.85
C VAL A 451 -17.88 -16.19 6.04
N LYS A 452 -18.16 -17.46 5.80
CA LYS A 452 -18.45 -18.41 6.89
C LYS A 452 -17.12 -19.01 7.26
N TYR A 453 -16.74 -18.97 8.53
CA TYR A 453 -15.53 -19.71 8.96
C TYR A 453 -15.88 -20.98 9.72
N THR A 454 -14.98 -21.95 9.64
CA THR A 454 -15.16 -23.23 10.31
C THR A 454 -13.88 -23.72 10.89
N ARG A 455 -13.81 -23.76 12.22
CA ARG A 455 -12.68 -24.29 12.98
C ARG A 455 -12.45 -25.79 12.59
N LYS A 456 -11.17 -26.19 12.52
CA LYS A 456 -10.81 -27.47 11.88
C LYS A 456 -11.04 -28.74 12.74
#